data_2HKU
#
_entry.id   2HKU
#
_cell.length_a   94.400
_cell.length_b   123.701
_cell.length_c   73.840
_cell.angle_alpha   90.00
_cell.angle_beta   90.00
_cell.angle_gamma   90.00
#
_symmetry.space_group_name_H-M   'C 2 2 21'
#
loop_
_entity.id
_entity.type
_entity.pdbx_description
1 polymer 'A putative transcriptional regulator'
2 non-polymer 1,2-ETHANEDIOL
3 non-polymer 'TETRAETHYLENE GLYCOL'
4 water water
#
_entity_poly.entity_id   1
_entity_poly.type   'polypeptide(L)'
_entity_poly.pdbx_seq_one_letter_code
;GH(MSE)VPQTGRAARATRESGRQTRDALFTAATELFLEHGEGVPITQICAAAGAHPNQVTYYYGSKERLFVEVACAAVL
RAGKRAEDDAATAETVGDYTEKLVGSLLGPGAPSVELFTSA(MSE)L(MSE)TGRRSELRDLITDTLRTLHSSGEVALIR
TL(MSE)RTGWQLRAGIDVESKAFWSAIFGLVIQKTATGESFGYSLEEAVAVIFANLQIPETVRNTSIDGS
;
_entity_poly.pdbx_strand_id   A,B
#
# COMPACT_ATOMS: atom_id res chain seq x y z
N GLN A 20 21.86 -13.82 -20.46
CA GLN A 20 22.98 -13.16 -21.22
C GLN A 20 22.54 -11.80 -21.85
N THR A 21 21.85 -11.86 -22.98
CA THR A 21 21.00 -10.73 -23.37
C THR A 21 19.80 -10.69 -22.43
N ARG A 22 19.24 -11.88 -22.09
CA ARG A 22 18.30 -11.98 -20.97
C ARG A 22 18.74 -11.13 -19.76
N ASP A 23 19.97 -11.33 -19.27
CA ASP A 23 20.49 -10.57 -18.13
C ASP A 23 20.70 -9.08 -18.40
N ALA A 24 21.16 -8.76 -19.61
CA ALA A 24 21.38 -7.36 -20.00
C ALA A 24 20.04 -6.58 -19.95
N LEU A 25 19.01 -7.19 -20.49
CA LEU A 25 17.64 -6.63 -20.48
C LEU A 25 17.10 -6.41 -19.07
N PHE A 26 17.30 -7.45 -18.25
CA PHE A 26 16.81 -7.44 -16.90
C PHE A 26 17.42 -6.33 -16.10
N THR A 27 18.74 -6.18 -16.19
CA THR A 27 19.45 -5.09 -15.52
C THR A 27 19.02 -3.70 -15.99
N ALA A 28 18.92 -3.48 -17.30
CA ALA A 28 18.63 -2.17 -17.80
C ALA A 28 17.20 -1.87 -17.33
N ALA A 29 16.32 -2.85 -17.53
CA ALA A 29 14.89 -2.74 -17.10
C ALA A 29 14.82 -2.40 -15.66
N THR A 30 15.55 -3.12 -14.82
CA THR A 30 15.53 -2.87 -13.43
C THR A 30 15.92 -1.43 -13.13
N GLU A 31 17.01 -0.95 -13.67
CA GLU A 31 17.43 0.42 -13.33
C GLU A 31 16.38 1.46 -13.74
N LEU A 32 15.91 1.32 -14.95
CA LEU A 32 15.05 2.35 -15.58
C LEU A 32 13.68 2.35 -14.95
N PHE A 33 13.11 1.15 -14.74
CA PHE A 33 11.84 0.99 -13.97
C PHE A 33 11.88 1.48 -12.53
N LEU A 34 12.98 1.17 -11.84
CA LEU A 34 13.10 1.66 -10.46
C LEU A 34 13.09 3.17 -10.37
N GLU A 35 13.66 3.82 -11.36
CA GLU A 35 13.79 5.25 -11.38
C GLU A 35 12.53 5.94 -11.91
N HIS A 36 12.00 5.45 -13.03
CA HIS A 36 10.93 6.21 -13.76
C HIS A 36 9.58 5.53 -13.92
N GLY A 37 9.53 4.25 -13.55
CA GLY A 37 8.28 3.51 -13.49
C GLY A 37 8.01 2.84 -14.81
N GLU A 38 6.84 2.26 -14.88
CA GLU A 38 6.43 1.44 -15.95
C GLU A 38 6.34 2.10 -17.34
N GLY A 39 6.15 3.44 -17.38
CA GLY A 39 6.12 4.17 -18.65
C GLY A 39 7.41 4.31 -19.50
N VAL A 40 8.57 4.00 -18.93
CA VAL A 40 9.84 3.87 -19.73
C VAL A 40 9.62 3.10 -21.00
N PRO A 41 9.88 3.71 -22.19
CA PRO A 41 9.68 2.87 -23.37
C PRO A 41 10.61 1.66 -23.43
N ILE A 42 10.09 0.56 -23.96
CA ILE A 42 10.95 -0.58 -24.28
C ILE A 42 12.25 -0.27 -25.07
N THR A 43 12.18 0.62 -26.06
CA THR A 43 13.35 1.02 -26.93
C THR A 43 14.53 1.61 -26.12
N GLN A 44 14.20 2.26 -25.04
CA GLN A 44 15.19 2.83 -24.14
C GLN A 44 15.85 1.77 -23.30
N ILE A 45 15.06 0.75 -22.88
CA ILE A 45 15.60 -0.44 -22.19
C ILE A 45 16.52 -1.21 -23.15
N CYS A 46 16.06 -1.41 -24.37
CA CYS A 46 16.81 -2.10 -25.40
C CYS A 46 18.08 -1.34 -25.77
N ALA A 47 17.98 -0.02 -25.90
CA ALA A 47 19.17 0.85 -26.17
C ALA A 47 20.19 0.70 -25.02
N ALA A 48 19.69 0.80 -23.77
CA ALA A 48 20.46 0.56 -22.58
C ALA A 48 21.09 -0.84 -22.56
N ALA A 49 20.37 -1.85 -23.01
CA ALA A 49 20.90 -3.18 -22.90
C ALA A 49 21.79 -3.64 -24.08
N GLY A 50 21.95 -2.83 -25.14
CA GLY A 50 22.55 -3.33 -26.40
C GLY A 50 21.74 -4.45 -27.04
N ALA A 51 20.42 -4.41 -26.81
CA ALA A 51 19.49 -5.46 -27.26
C ALA A 51 18.57 -5.00 -28.37
N HIS A 52 18.12 -5.95 -29.17
CA HIS A 52 17.15 -5.66 -30.19
C HIS A 52 15.78 -5.80 -29.53
N PRO A 53 14.83 -4.87 -29.84
CA PRO A 53 13.45 -5.06 -29.34
C PRO A 53 12.89 -6.48 -29.47
N ASN A 54 13.32 -7.25 -30.45
CA ASN A 54 12.90 -8.67 -30.54
C ASN A 54 13.22 -9.56 -29.35
N GLN A 55 14.31 -9.25 -28.66
CA GLN A 55 14.77 -10.07 -27.55
C GLN A 55 13.80 -9.90 -26.37
N VAL A 56 13.16 -8.74 -26.28
CA VAL A 56 12.13 -8.54 -25.27
C VAL A 56 10.95 -9.50 -25.43
N THR A 57 10.44 -9.62 -26.65
CA THR A 57 9.32 -10.54 -26.88
C THR A 57 9.79 -12.02 -26.73
N TYR A 58 11.02 -12.31 -27.16
CA TYR A 58 11.66 -13.61 -26.99
C TYR A 58 11.81 -14.06 -25.53
N TYR A 59 12.47 -13.23 -24.74
CA TYR A 59 12.71 -13.55 -23.34
C TYR A 59 11.55 -13.31 -22.39
N TYR A 60 10.57 -12.47 -22.76
CA TYR A 60 9.54 -12.08 -21.80
C TYR A 60 8.13 -12.07 -22.34
N GLY A 61 7.96 -12.16 -23.64
CA GLY A 61 6.61 -12.27 -24.17
C GLY A 61 5.90 -10.93 -24.26
N SER A 62 6.38 -9.91 -23.51
CA SER A 62 5.72 -8.63 -23.47
C SER A 62 6.43 -7.69 -22.47
N LYS A 63 6.19 -6.39 -22.64
CA LYS A 63 6.70 -5.38 -21.74
C LYS A 63 6.18 -5.61 -20.31
N GLU A 64 4.88 -5.93 -20.19
CA GLU A 64 4.18 -6.02 -18.90
C GLU A 64 4.79 -7.16 -18.11
N ARG A 65 5.11 -8.23 -18.81
CA ARG A 65 5.74 -9.32 -18.17
C ARG A 65 7.19 -9.02 -17.71
N LEU A 66 7.99 -8.39 -18.56
CA LEU A 66 9.28 -7.82 -18.06
C LEU A 66 9.12 -6.93 -16.79
N PHE A 67 8.14 -6.01 -16.79
CA PHE A 67 7.90 -5.11 -15.69
C PHE A 67 7.55 -5.91 -14.43
N VAL A 68 6.56 -6.82 -14.51
CA VAL A 68 6.23 -7.57 -13.32
C VAL A 68 7.43 -8.44 -12.84
N GLU A 69 8.15 -9.10 -13.74
CA GLU A 69 9.25 -9.91 -13.25
C GLU A 69 10.28 -9.04 -12.55
N VAL A 70 10.63 -7.91 -13.18
CA VAL A 70 11.57 -6.94 -12.57
C VAL A 70 11.10 -6.49 -11.18
N ALA A 71 9.78 -6.24 -11.07
CA ALA A 71 9.20 -5.71 -9.84
C ALA A 71 9.26 -6.74 -8.70
N CYS A 72 8.87 -7.97 -9.02
CA CYS A 72 9.02 -9.09 -8.13
C CYS A 72 10.48 -9.33 -7.66
N ALA A 73 11.44 -9.50 -8.56
CA ALA A 73 12.91 -9.61 -8.20
C ALA A 73 13.40 -8.47 -7.37
N ALA A 74 13.03 -7.24 -7.72
CA ALA A 74 13.37 -6.06 -6.88
C ALA A 74 12.91 -6.13 -5.47
N VAL A 75 11.63 -6.40 -5.22
CA VAL A 75 11.19 -6.51 -3.86
C VAL A 75 11.74 -7.73 -3.07
N LEU A 76 11.91 -8.87 -3.72
CA LEU A 76 12.56 -10.02 -3.11
C LEU A 76 14.00 -9.70 -2.69
N ARG A 77 14.69 -9.05 -3.59
CA ARG A 77 16.08 -8.68 -3.31
C ARG A 77 16.13 -7.64 -2.21
N ALA A 78 15.29 -6.60 -2.31
CA ALA A 78 15.08 -5.67 -1.13
C ALA A 78 14.75 -6.32 0.17
N GLY A 79 13.83 -7.26 0.22
CA GLY A 79 13.55 -7.96 1.45
C GLY A 79 14.78 -8.75 1.96
N LYS A 80 15.49 -9.44 1.08
CA LYS A 80 16.70 -10.19 1.53
C LYS A 80 17.82 -9.25 2.04
N ARG A 81 18.04 -8.14 1.33
CA ARG A 81 19.00 -7.11 1.77
C ARG A 81 18.69 -6.57 3.14
N ALA A 82 17.40 -6.32 3.44
CA ALA A 82 16.99 -5.88 4.73
C ALA A 82 17.28 -6.92 5.81
N GLU A 83 16.90 -8.18 5.56
CA GLU A 83 17.13 -9.27 6.48
C GLU A 83 18.69 -9.47 6.68
N ASP A 84 19.43 -9.23 5.62
CA ASP A 84 20.85 -9.50 5.64
C ASP A 84 21.51 -8.46 6.49
N ASP A 85 21.15 -7.20 6.25
CA ASP A 85 21.68 -6.03 6.97
C ASP A 85 21.23 -6.06 8.39
N ALA A 86 20.05 -6.61 8.68
CA ALA A 86 19.59 -6.85 10.06
C ALA A 86 20.32 -7.90 10.84
N ALA A 87 20.71 -8.99 10.17
CA ALA A 87 21.52 -10.08 10.82
C ALA A 87 22.91 -9.56 11.34
N THR A 88 23.36 -8.44 10.82
CA THR A 88 24.59 -7.86 11.23
C THR A 88 24.52 -6.79 12.26
N ALA A 89 23.63 -6.88 13.22
CA ALA A 89 24.05 -7.30 14.54
C ALA A 89 22.88 -7.43 15.44
N GLU A 90 23.05 -8.20 16.52
CA GLU A 90 22.67 -7.70 17.84
C GLU A 90 22.92 -6.20 17.94
N THR A 91 21.92 -5.47 18.45
CA THR A 91 20.89 -6.07 19.30
C THR A 91 19.60 -6.31 18.53
N VAL A 92 18.62 -6.89 19.19
CA VAL A 92 17.32 -7.11 18.60
C VAL A 92 16.55 -5.79 18.19
N GLY A 93 16.53 -4.82 19.10
CA GLY A 93 15.93 -3.53 18.81
C GLY A 93 16.61 -3.04 17.58
N ASP A 94 17.90 -3.32 17.49
CA ASP A 94 18.73 -2.84 16.42
C ASP A 94 18.57 -3.64 15.10
N TYR A 95 18.21 -4.90 15.24
CA TYR A 95 17.95 -5.78 14.11
C TYR A 95 16.68 -5.26 13.40
N THR A 96 15.64 -5.03 14.21
CA THR A 96 14.42 -4.43 13.78
C THR A 96 14.58 -3.07 13.15
N GLU A 97 15.44 -2.20 13.69
CA GLU A 97 15.67 -0.84 13.14
C GLU A 97 16.34 -0.91 11.79
N LYS A 98 17.29 -1.82 11.76
CA LYS A 98 18.03 -2.08 10.57
C LYS A 98 17.07 -2.71 9.50
N LEU A 99 16.29 -3.69 9.87
CA LEU A 99 15.46 -4.35 8.88
C LEU A 99 14.45 -3.31 8.31
N VAL A 100 13.74 -2.62 9.18
CA VAL A 100 12.68 -1.61 8.80
C VAL A 100 13.27 -0.44 8.12
N GLY A 101 14.36 0.11 8.70
CA GLY A 101 15.10 1.16 8.01
C GLY A 101 15.55 0.83 6.63
N SER A 102 15.93 -0.42 6.35
CA SER A 102 16.31 -0.81 4.97
C SER A 102 15.14 -0.80 3.98
N LEU A 103 14.08 -1.50 4.37
CA LEU A 103 12.86 -1.53 3.49
C LEU A 103 12.30 -0.13 3.28
N LEU A 104 12.25 0.72 4.31
CA LEU A 104 11.60 2.04 4.19
C LEU A 104 12.50 3.06 3.58
N GLY A 105 13.81 2.81 3.63
CA GLY A 105 14.75 3.72 3.02
C GLY A 105 15.35 3.28 1.73
N PRO A 106 16.56 2.64 1.77
CA PRO A 106 17.03 2.31 0.45
C PRO A 106 16.18 1.26 -0.34
N GLY A 107 15.42 0.41 0.33
CA GLY A 107 14.61 -0.63 -0.42
C GLY A 107 13.25 -0.06 -0.86
N ALA A 108 12.98 1.22 -0.57
CA ALA A 108 11.60 1.75 -0.79
C ALA A 108 11.25 1.79 -2.27
N PRO A 109 12.12 2.29 -3.17
CA PRO A 109 11.78 2.22 -4.61
C PRO A 109 11.46 0.78 -5.15
N SER A 110 12.15 -0.26 -4.62
CA SER A 110 11.81 -1.66 -4.95
C SER A 110 10.43 -2.09 -4.45
N VAL A 111 10.10 -1.81 -3.18
CA VAL A 111 8.72 -2.08 -2.65
C VAL A 111 7.70 -1.27 -3.49
N GLU A 112 8.03 -0.02 -3.75
CA GLU A 112 7.12 0.84 -4.50
C GLU A 112 6.89 0.34 -5.93
N LEU A 113 7.92 -0.06 -6.64
CA LEU A 113 7.70 -0.77 -7.89
C LEU A 113 6.79 -2.03 -7.80
N PHE A 114 6.95 -2.82 -6.73
CA PHE A 114 6.20 -4.05 -6.64
C PHE A 114 4.74 -3.68 -6.31
N THR A 115 4.52 -2.67 -5.46
CA THR A 115 3.12 -2.11 -5.28
C THR A 115 2.47 -1.67 -6.62
N SER A 116 3.25 -1.03 -7.51
CA SER A 116 2.75 -0.63 -8.85
C SER A 116 2.46 -1.83 -9.68
N ALA A 117 3.37 -2.80 -9.58
CA ALA A 117 3.09 -4.09 -10.24
C ALA A 117 1.76 -4.78 -9.75
N LEU A 119 -0.90 -3.47 -8.53
CA LEU A 119 -2.00 -2.66 -9.02
C LEU A 119 -2.26 -2.84 -10.52
N THR A 121 -1.78 -5.63 -12.38
CA THR A 121 -2.09 -6.99 -12.76
C THR A 121 -3.50 -7.32 -12.26
N GLY A 122 -4.46 -7.08 -13.16
CA GLY A 122 -5.88 -7.30 -12.80
C GLY A 122 -6.07 -8.79 -12.67
N ARG A 123 -6.20 -9.43 -13.85
CA ARG A 123 -6.60 -10.83 -13.95
C ARG A 123 -5.83 -11.68 -14.93
N ARG A 124 -4.80 -11.11 -15.57
CA ARG A 124 -3.85 -11.88 -16.41
C ARG A 124 -3.22 -12.86 -15.45
N SER A 125 -3.62 -14.12 -15.53
CA SER A 125 -3.15 -15.15 -14.58
C SER A 125 -1.64 -15.37 -14.69
N GLU A 126 -1.03 -15.19 -15.87
CA GLU A 126 0.42 -15.37 -16.00
C GLU A 126 0.84 -14.85 -14.68
N LEU A 127 0.35 -13.65 -14.34
CA LEU A 127 1.14 -12.46 -14.27
C LEU A 127 0.76 -12.25 -12.77
N ARG A 128 -0.54 -12.46 -12.45
CA ARG A 128 -1.04 -12.67 -11.11
C ARG A 128 -0.27 -13.78 -10.32
N ASP A 129 0.12 -14.87 -10.99
CA ASP A 129 0.90 -15.95 -10.36
C ASP A 129 2.30 -15.54 -9.90
N LEU A 130 2.94 -14.67 -10.67
CA LEU A 130 4.25 -14.08 -10.28
C LEU A 130 4.07 -13.25 -9.00
N ILE A 131 3.00 -12.43 -9.00
CA ILE A 131 2.66 -11.55 -7.89
C ILE A 131 2.39 -12.39 -6.66
N THR A 132 1.47 -13.37 -6.78
CA THR A 132 1.10 -14.18 -5.63
C THR A 132 2.25 -15.03 -5.14
N ASP A 133 3.05 -15.59 -6.04
CA ASP A 133 4.15 -16.32 -5.54
C ASP A 133 5.07 -15.43 -4.72
N THR A 134 5.33 -14.21 -5.22
CA THR A 134 6.24 -13.19 -4.64
C THR A 134 5.74 -12.78 -3.26
N LEU A 135 4.44 -12.55 -3.15
CA LEU A 135 3.81 -12.26 -1.88
C LEU A 135 3.91 -13.37 -0.89
N ARG A 136 3.62 -14.62 -1.27
CA ARG A 136 3.75 -15.71 -0.31
C ARG A 136 5.19 -15.81 0.18
N THR A 137 6.14 -15.63 -0.71
CA THR A 137 7.62 -15.74 -0.34
C THR A 137 8.01 -14.63 0.62
N LEU A 138 7.56 -13.36 0.35
CA LEU A 138 7.82 -12.24 1.29
C LEU A 138 7.24 -12.61 2.65
N HIS A 139 6.00 -13.11 2.65
CA HIS A 139 5.34 -13.45 3.92
C HIS A 139 5.96 -14.66 4.67
N SER A 140 6.39 -15.68 3.93
CA SER A 140 7.20 -16.80 4.54
C SER A 140 8.51 -16.24 5.09
N SER A 141 9.12 -15.41 4.28
CA SER A 141 10.37 -14.88 4.64
C SER A 141 10.24 -14.10 5.98
N GLY A 142 9.08 -13.48 6.23
CA GLY A 142 8.92 -12.65 7.43
C GLY A 142 8.72 -13.49 8.66
N GLU A 143 7.95 -14.61 8.53
CA GLU A 143 7.86 -15.57 9.62
C GLU A 143 9.24 -16.01 10.06
N VAL A 144 10.11 -16.33 9.11
CA VAL A 144 11.40 -17.07 9.44
C VAL A 144 12.57 -16.17 9.76
N ALA A 145 12.46 -14.90 9.38
CA ALA A 145 13.52 -13.94 9.71
C ALA A 145 13.06 -13.05 10.88
N LEU A 146 12.35 -11.92 10.60
CA LEU A 146 11.80 -11.06 11.70
C LEU A 146 11.01 -11.70 12.83
N ILE A 147 9.90 -12.36 12.54
CA ILE A 147 8.96 -12.83 13.56
C ILE A 147 9.63 -13.93 14.47
N ARG A 148 10.43 -14.79 13.86
CA ARG A 148 11.24 -15.77 14.59
C ARG A 148 12.33 -15.10 15.46
N THR A 149 13.11 -14.17 14.88
CA THR A 149 14.06 -13.34 15.65
C THR A 149 13.38 -12.78 16.98
N LEU A 150 12.17 -12.20 16.83
CA LEU A 150 11.37 -11.76 17.95
C LEU A 150 10.90 -12.85 18.89
N ARG A 152 12.05 -15.77 19.57
CA ARG A 152 13.07 -16.62 20.18
C ARG A 152 13.73 -15.75 21.22
N THR A 153 13.73 -14.43 20.98
CA THR A 153 14.23 -13.49 22.00
C THR A 153 13.22 -13.05 23.06
N GLY A 154 12.01 -13.61 23.10
CA GLY A 154 11.03 -13.26 24.14
C GLY A 154 9.64 -12.67 23.77
N TRP A 155 9.52 -12.16 22.53
CA TRP A 155 8.28 -11.44 22.12
C TRP A 155 7.06 -12.39 21.99
N GLN A 156 5.90 -11.98 22.50
CA GLN A 156 4.71 -12.76 22.40
C GLN A 156 3.90 -12.42 21.11
N LEU A 157 3.68 -13.45 20.27
CA LEU A 157 2.66 -13.40 19.21
C LEU A 157 1.37 -12.87 19.77
N ARG A 158 0.73 -12.02 18.97
CA ARG A 158 -0.59 -11.53 19.29
C ARG A 158 -1.58 -12.33 18.43
N ALA A 159 -1.10 -12.77 17.26
CA ALA A 159 -1.85 -13.63 16.36
C ALA A 159 -0.86 -14.71 15.90
N GLY A 160 -1.29 -15.63 15.07
CA GLY A 160 -0.46 -16.74 14.58
C GLY A 160 0.62 -16.16 13.72
N ILE A 161 1.76 -16.85 13.64
CA ILE A 161 2.96 -16.36 13.02
C ILE A 161 2.77 -15.91 11.53
N ASP A 162 1.89 -16.60 10.81
CA ASP A 162 1.59 -16.23 9.44
C ASP A 162 0.97 -14.82 9.43
N VAL A 163 -0.03 -14.58 10.30
CA VAL A 163 -0.74 -13.25 10.38
C VAL A 163 0.20 -12.12 10.79
N GLU A 164 1.16 -12.41 11.66
CA GLU A 164 2.07 -11.41 12.11
C GLU A 164 2.99 -11.00 10.96
N SER A 165 3.38 -11.96 10.11
CA SER A 165 4.17 -11.62 8.93
C SER A 165 3.38 -10.74 7.98
N LYS A 166 2.09 -11.05 7.78
CA LYS A 166 1.27 -10.27 6.87
C LYS A 166 0.98 -8.89 7.41
N ALA A 167 0.86 -8.76 8.74
CA ALA A 167 0.70 -7.44 9.39
C ALA A 167 1.92 -6.61 9.21
N PHE A 168 3.08 -7.25 9.26
CA PHE A 168 4.35 -6.54 9.02
C PHE A 168 4.41 -6.11 7.48
N TRP A 169 4.22 -7.04 6.58
CA TRP A 169 4.28 -6.67 5.16
C TRP A 169 3.23 -5.62 4.68
N SER A 170 1.97 -5.77 5.06
CA SER A 170 0.97 -4.77 4.60
C SER A 170 1.19 -3.36 5.15
N ALA A 171 1.71 -3.26 6.40
CA ALA A 171 2.27 -1.96 6.94
C ALA A 171 3.41 -1.39 6.06
N ILE A 172 4.41 -2.24 5.79
CA ILE A 172 5.46 -1.83 4.91
C ILE A 172 4.92 -1.26 3.57
N PHE A 173 4.04 -2.00 2.88
CA PHE A 173 3.42 -1.54 1.62
C PHE A 173 2.72 -0.19 1.77
N GLY A 174 1.88 -0.10 2.79
CA GLY A 174 1.07 1.17 3.04
C GLY A 174 1.97 2.35 3.47
N LEU A 175 3.00 2.06 4.24
CA LEU A 175 3.98 3.13 4.60
C LEU A 175 4.81 3.60 3.41
N VAL A 176 5.29 2.68 2.60
CA VAL A 176 6.03 3.05 1.37
C VAL A 176 5.16 3.85 0.44
N ILE A 177 3.92 3.44 0.24
CA ILE A 177 3.07 4.16 -0.69
C ILE A 177 2.83 5.61 -0.22
N GLN A 178 2.45 5.79 1.03
CA GLN A 178 2.10 7.11 1.55
C GLN A 178 3.30 7.98 1.73
N LYS A 179 4.39 7.36 2.11
CA LYS A 179 5.67 8.09 2.17
C LYS A 179 6.11 8.72 0.88
N THR A 180 5.96 7.98 -0.23
CA THR A 180 6.32 8.46 -1.55
C THR A 180 5.33 9.51 -2.10
N ALA A 181 4.03 9.26 -1.91
CA ALA A 181 3.04 10.21 -2.28
C ALA A 181 3.14 11.55 -1.55
N THR A 182 3.53 11.55 -0.26
CA THR A 182 3.49 12.74 0.57
C THR A 182 4.83 13.47 0.49
N GLY A 183 5.73 12.90 -0.26
CA GLY A 183 7.10 13.36 -0.32
C GLY A 183 7.74 13.28 1.07
N GLU A 184 7.52 12.19 1.77
CA GLU A 184 8.11 12.01 3.10
C GLU A 184 7.77 13.17 4.05
N SER A 185 6.49 13.45 4.19
CA SER A 185 6.07 14.43 5.15
C SER A 185 4.62 14.16 5.42
N PHE A 186 3.96 15.15 6.03
CA PHE A 186 2.58 15.02 6.46
C PHE A 186 2.42 13.75 7.27
N GLY A 187 3.34 13.53 8.20
CA GLY A 187 3.26 12.35 9.11
C GLY A 187 3.96 11.08 8.56
N TYR A 188 4.47 11.12 7.33
CA TYR A 188 5.10 9.93 6.75
C TYR A 188 6.52 10.23 6.33
N SER A 189 7.26 10.99 7.16
CA SER A 189 8.72 11.00 6.99
C SER A 189 9.32 9.62 7.27
N LEU A 190 10.61 9.44 6.91
CA LEU A 190 11.25 8.17 7.18
C LEU A 190 11.16 7.78 8.65
N GLU A 191 11.48 8.71 9.55
CA GLU A 191 11.43 8.46 10.98
C GLU A 191 10.02 8.12 11.47
N GLU A 192 9.03 8.84 11.00
CA GLU A 192 7.70 8.58 11.39
C GLU A 192 7.20 7.20 10.94
N ALA A 193 7.55 6.80 9.73
CA ALA A 193 7.13 5.47 9.14
C ALA A 193 7.82 4.33 9.93
N VAL A 194 9.13 4.47 10.24
CA VAL A 194 9.76 3.53 11.11
C VAL A 194 9.08 3.38 12.45
N ALA A 195 8.68 4.51 13.04
CA ALA A 195 7.96 4.50 14.32
C ALA A 195 6.58 3.80 14.25
N VAL A 196 5.90 3.86 13.10
CA VAL A 196 4.58 3.12 12.99
C VAL A 196 4.92 1.59 13.13
N ILE A 197 5.96 1.10 12.47
CA ILE A 197 6.28 -0.37 12.55
C ILE A 197 6.62 -0.72 14.00
N PHE A 198 7.48 0.10 14.64
CA PHE A 198 7.66 -0.08 16.12
C PHE A 198 6.40 -0.10 17.01
N ALA A 199 5.44 0.81 16.75
CA ALA A 199 4.17 0.77 17.43
C ALA A 199 3.34 -0.43 17.07
N ASN A 200 3.45 -0.92 15.83
CA ASN A 200 2.71 -2.14 15.45
C ASN A 200 3.25 -3.38 16.20
N LEU A 201 4.57 -3.45 16.38
CA LEU A 201 5.23 -4.65 16.96
C LEU A 201 5.22 -4.59 18.50
N GLN A 202 5.25 -3.36 19.05
CA GLN A 202 5.29 -3.07 20.51
C GLN A 202 6.23 -4.08 21.23
N ILE A 203 7.52 -3.96 20.97
CA ILE A 203 8.53 -4.93 21.37
C ILE A 203 9.01 -4.41 22.74
N PRO A 204 8.81 -5.22 23.82
CA PRO A 204 9.33 -4.89 25.17
C PRO A 204 10.78 -4.47 25.18
N GLU A 205 11.08 -3.48 26.04
CA GLU A 205 12.43 -2.93 26.09
C GLU A 205 13.51 -4.01 26.32
N THR A 206 13.17 -5.02 27.11
CA THR A 206 14.10 -6.10 27.53
C THR A 206 14.48 -7.01 26.34
N VAL A 207 13.43 -7.43 25.61
CA VAL A 207 13.57 -8.00 24.24
C VAL A 207 14.41 -7.14 23.31
N ARG A 208 14.17 -5.82 23.24
CA ARG A 208 14.92 -4.96 22.32
C ARG A 208 16.39 -4.91 22.64
N ASN A 209 16.71 -5.06 23.92
CA ASN A 209 18.13 -4.91 24.39
C ASN A 209 18.96 -6.17 24.25
N THR A 210 18.30 -7.31 24.22
CA THR A 210 18.96 -8.55 23.80
C THR A 210 19.85 -8.50 22.52
N THR B 21 -21.98 21.30 -15.77
CA THR B 21 -21.71 19.85 -16.12
C THR B 21 -20.23 19.28 -16.09
N ARG B 22 -19.32 20.02 -15.43
CA ARG B 22 -18.23 19.42 -14.70
C ARG B 22 -18.66 18.07 -14.15
N ASP B 23 -19.94 17.95 -13.79
CA ASP B 23 -20.38 16.85 -12.94
C ASP B 23 -20.70 15.63 -13.72
N ALA B 24 -21.15 15.84 -14.94
CA ALA B 24 -21.30 14.76 -15.91
C ALA B 24 -19.91 14.12 -16.10
N LEU B 25 -18.91 14.94 -16.35
CA LEU B 25 -17.51 14.45 -16.50
C LEU B 25 -17.06 13.62 -15.28
N PHE B 26 -17.11 14.29 -14.11
CA PHE B 26 -16.78 13.71 -12.80
C PHE B 26 -17.41 12.40 -12.55
N THR B 27 -18.70 12.32 -12.82
CA THR B 27 -19.48 11.07 -12.73
C THR B 27 -19.08 9.92 -13.69
N ALA B 28 -19.01 10.22 -14.99
CA ALA B 28 -18.55 9.28 -15.99
C ALA B 28 -17.11 8.86 -15.62
N ALA B 29 -16.25 9.82 -15.32
CA ALA B 29 -14.82 9.47 -14.95
C ALA B 29 -14.75 8.60 -13.73
N THR B 30 -15.55 8.93 -12.72
CA THR B 30 -15.56 8.02 -11.59
C THR B 30 -15.94 6.59 -11.90
N GLU B 31 -17.02 6.35 -12.63
CA GLU B 31 -17.33 4.94 -12.98
C GLU B 31 -16.31 4.24 -13.84
N LEU B 32 -15.72 4.97 -14.81
CA LEU B 32 -14.80 4.33 -15.78
C LEU B 32 -13.44 4.10 -15.14
N PHE B 33 -12.96 5.13 -14.44
CA PHE B 33 -11.74 4.95 -13.58
C PHE B 33 -11.84 3.84 -12.60
N LEU B 34 -12.95 3.80 -11.84
CA LEU B 34 -13.09 2.76 -10.81
C LEU B 34 -13.00 1.41 -11.45
N GLU B 35 -13.66 1.28 -12.61
CA GLU B 35 -13.73 0.00 -13.28
C GLU B 35 -12.47 -0.33 -14.04
N HIS B 36 -11.92 0.60 -14.82
CA HIS B 36 -10.74 0.20 -15.65
C HIS B 36 -9.38 0.81 -15.33
N GLY B 37 -9.35 1.86 -14.50
CA GLY B 37 -8.12 2.47 -14.00
C GLY B 37 -7.70 3.62 -14.90
N GLU B 38 -6.53 4.21 -14.65
CA GLU B 38 -6.21 5.44 -15.33
C GLU B 38 -6.06 5.41 -16.83
N GLY B 39 -5.95 4.23 -17.44
CA GLY B 39 -5.73 4.16 -18.90
C GLY B 39 -6.97 4.46 -19.75
N VAL B 40 -8.15 4.52 -19.14
CA VAL B 40 -9.37 4.92 -19.87
C VAL B 40 -9.11 6.16 -20.68
N PRO B 41 -9.33 6.10 -22.02
CA PRO B 41 -9.14 7.33 -22.80
C PRO B 41 -10.13 8.42 -22.43
N ILE B 42 -9.67 9.66 -22.44
CA ILE B 42 -10.48 10.83 -22.08
C ILE B 42 -11.69 11.01 -23.06
N THR B 43 -11.54 10.65 -24.33
CA THR B 43 -12.72 10.65 -25.24
C THR B 43 -13.84 9.75 -24.77
N GLN B 44 -13.48 8.63 -24.18
CA GLN B 44 -14.42 7.65 -23.70
C GLN B 44 -15.29 8.17 -22.54
N ILE B 45 -14.62 8.88 -21.60
CA ILE B 45 -15.19 9.74 -20.55
C ILE B 45 -16.04 10.87 -21.11
N CYS B 46 -15.55 11.52 -22.15
CA CYS B 46 -16.31 12.57 -22.81
C CYS B 46 -17.54 12.02 -23.54
N ALA B 47 -17.44 10.85 -24.17
CA ALA B 47 -18.62 10.16 -24.76
C ALA B 47 -19.65 9.66 -23.71
N ALA B 48 -19.19 9.03 -22.63
CA ALA B 48 -20.11 8.73 -21.53
C ALA B 48 -20.86 9.97 -20.97
N ALA B 49 -20.29 11.17 -21.04
CA ALA B 49 -20.87 12.33 -20.39
C ALA B 49 -21.46 13.40 -21.32
N GLY B 50 -21.51 13.08 -22.59
CA GLY B 50 -21.74 14.03 -23.64
C GLY B 50 -21.06 15.34 -23.46
N ALA B 51 -19.77 15.32 -23.25
CA ALA B 51 -19.08 16.56 -23.20
C ALA B 51 -18.12 16.57 -24.33
N HIS B 52 -17.56 17.73 -24.59
CA HIS B 52 -16.52 17.81 -25.56
C HIS B 52 -15.18 17.77 -24.87
N PRO B 53 -14.23 17.09 -25.46
CA PRO B 53 -12.86 17.01 -24.84
C PRO B 53 -12.24 18.30 -24.29
N ASN B 54 -12.58 19.44 -24.88
CA ASN B 54 -12.22 20.76 -24.35
C ASN B 54 -12.66 20.99 -22.91
N GLN B 55 -13.80 20.41 -22.54
CA GLN B 55 -14.42 20.61 -21.20
C GLN B 55 -13.51 20.09 -20.04
N VAL B 56 -12.78 19.01 -20.31
CA VAL B 56 -11.80 18.41 -19.40
C VAL B 56 -10.58 19.32 -19.13
N THR B 57 -9.98 19.89 -20.18
CA THR B 57 -8.89 20.87 -20.02
C THR B 57 -9.41 22.11 -19.28
N TYR B 58 -10.70 22.40 -19.51
CA TYR B 58 -11.35 23.57 -18.97
C TYR B 58 -11.52 23.46 -17.47
N TYR B 59 -12.31 22.49 -17.04
CA TYR B 59 -12.60 22.31 -15.62
C TYR B 59 -11.53 21.62 -14.78
N TYR B 60 -10.59 20.91 -15.42
CA TYR B 60 -9.58 20.13 -14.67
C TYR B 60 -8.12 20.36 -15.07
N GLY B 61 -7.86 20.95 -16.24
CA GLY B 61 -6.48 21.25 -16.62
C GLY B 61 -5.70 20.10 -17.24
N SER B 62 -5.88 18.91 -16.66
CA SER B 62 -5.38 17.64 -17.22
C SER B 62 -6.27 16.44 -16.85
N LYS B 63 -6.14 15.38 -17.63
CA LYS B 63 -6.75 14.13 -17.32
C LYS B 63 -6.28 13.55 -15.94
N GLU B 64 -4.99 13.72 -15.63
CA GLU B 64 -4.38 13.27 -14.40
C GLU B 64 -4.94 14.02 -13.21
N ARG B 65 -5.17 15.32 -13.36
CA ARG B 65 -5.80 16.09 -12.28
C ARG B 65 -7.26 15.62 -12.06
N LEU B 66 -8.01 15.36 -13.15
CA LEU B 66 -9.31 14.74 -13.04
C LEU B 66 -9.26 13.36 -12.37
N PHE B 67 -8.35 12.50 -12.83
CA PHE B 67 -8.10 11.21 -12.21
C PHE B 67 -7.84 11.33 -10.69
N VAL B 68 -6.88 12.18 -10.29
CA VAL B 68 -6.59 12.40 -8.89
C VAL B 68 -7.81 12.95 -8.15
N GLU B 69 -8.46 13.96 -8.74
CA GLU B 69 -9.70 14.41 -8.07
C GLU B 69 -10.72 13.32 -7.87
N VAL B 70 -10.95 12.51 -8.89
CA VAL B 70 -11.95 11.41 -8.70
C VAL B 70 -11.60 10.35 -7.64
N ALA B 71 -10.30 10.02 -7.58
CA ALA B 71 -9.83 8.99 -6.70
C ALA B 71 -9.90 9.54 -5.26
N CYS B 72 -9.50 10.79 -5.06
CA CYS B 72 -9.62 11.45 -3.76
C CYS B 72 -11.07 11.44 -3.30
N ALA B 73 -12.00 11.84 -4.16
CA ALA B 73 -13.39 11.80 -3.75
C ALA B 73 -13.89 10.42 -3.48
N ALA B 74 -13.49 9.41 -4.28
CA ALA B 74 -13.93 8.04 -4.13
C ALA B 74 -13.52 7.45 -2.78
N VAL B 75 -12.25 7.66 -2.40
CA VAL B 75 -11.79 7.15 -1.15
C VAL B 75 -12.45 7.82 0.06
N LEU B 76 -12.77 9.11 -0.02
CA LEU B 76 -13.50 9.76 1.05
C LEU B 76 -14.90 9.16 1.18
N ARG B 77 -15.57 9.03 0.05
CA ARG B 77 -16.88 8.32 -0.10
C ARG B 77 -16.85 6.94 0.46
N ALA B 78 -15.79 6.15 0.15
CA ALA B 78 -15.60 4.84 0.74
C ALA B 78 -15.44 4.90 2.28
N GLY B 79 -14.67 5.87 2.80
CA GLY B 79 -14.46 5.97 4.23
C GLY B 79 -15.78 6.32 4.93
N LYS B 80 -16.58 7.17 4.32
CA LYS B 80 -17.90 7.58 4.89
C LYS B 80 -18.92 6.43 4.89
N ARG B 81 -19.07 5.75 3.75
CA ARG B 81 -19.69 4.41 3.71
C ARG B 81 -19.19 3.40 4.77
N ALA B 82 -17.88 3.26 5.01
CA ALA B 82 -17.39 2.37 6.05
C ALA B 82 -17.88 2.75 7.46
N GLU B 83 -17.87 4.05 7.72
CA GLU B 83 -18.29 4.59 9.04
C GLU B 83 -19.82 4.36 9.16
N ASP B 84 -20.53 4.52 8.06
CA ASP B 84 -21.99 4.28 8.03
C ASP B 84 -22.17 2.81 8.38
N ASP B 85 -21.62 1.93 7.54
CA ASP B 85 -21.72 0.50 7.76
C ASP B 85 -21.36 0.10 9.20
N ALA B 86 -20.45 0.82 9.90
CA ALA B 86 -19.97 0.36 11.26
C ALA B 86 -20.68 1.08 12.40
N ALA B 87 -21.47 2.07 12.06
CA ALA B 87 -22.12 2.92 13.06
C ALA B 87 -23.16 2.13 13.92
N THR B 88 -23.60 0.95 13.47
CA THR B 88 -24.56 0.16 14.23
C THR B 88 -23.89 -0.99 14.95
N ALA B 89 -22.55 -1.02 14.97
CA ALA B 89 -21.86 -2.11 15.59
C ALA B 89 -22.23 -2.09 17.08
N GLU B 90 -22.22 -3.24 17.71
CA GLU B 90 -22.61 -3.33 19.12
C GLU B 90 -21.39 -3.35 20.00
N THR B 91 -20.27 -3.83 19.47
CA THR B 91 -19.05 -3.99 20.25
C THR B 91 -17.88 -3.40 19.43
N VAL B 92 -16.75 -3.15 20.10
CA VAL B 92 -15.50 -2.73 19.41
C VAL B 92 -15.12 -3.70 18.29
N GLY B 93 -15.19 -5.00 18.53
CA GLY B 93 -14.77 -5.98 17.51
C GLY B 93 -15.75 -6.07 16.37
N ASP B 94 -17.04 -6.00 16.68
CA ASP B 94 -18.10 -5.84 15.66
C ASP B 94 -17.81 -4.61 14.80
N TYR B 95 -17.57 -3.46 15.45
CA TYR B 95 -17.23 -2.19 14.81
C TYR B 95 -16.07 -2.36 13.80
N THR B 96 -14.96 -2.90 14.27
CA THR B 96 -13.78 -3.15 13.43
C THR B 96 -14.10 -4.04 12.23
N GLU B 97 -14.98 -5.05 12.42
CA GLU B 97 -15.28 -5.99 11.33
C GLU B 97 -16.08 -5.37 10.24
N LYS B 98 -17.10 -4.61 10.62
CA LYS B 98 -17.82 -3.82 9.71
C LYS B 98 -16.94 -2.72 9.03
N LEU B 99 -16.02 -2.09 9.81
CA LEU B 99 -15.31 -0.97 9.23
C LEU B 99 -14.42 -1.56 8.14
N VAL B 100 -13.60 -2.53 8.50
CA VAL B 100 -12.67 -3.20 7.58
C VAL B 100 -13.40 -3.95 6.45
N GLY B 101 -14.47 -4.67 6.82
CA GLY B 101 -15.30 -5.33 5.84
C GLY B 101 -15.76 -4.40 4.80
N SER B 102 -16.12 -3.19 5.19
CA SER B 102 -16.53 -2.22 4.19
C SER B 102 -15.36 -1.69 3.25
N LEU B 103 -14.21 -1.28 3.85
CA LEU B 103 -13.12 -0.75 3.02
C LEU B 103 -12.61 -1.82 2.07
N LEU B 104 -12.55 -3.09 2.51
CA LEU B 104 -11.97 -4.20 1.69
C LEU B 104 -13.02 -4.86 0.81
N GLY B 105 -14.26 -4.47 1.02
CA GLY B 105 -15.40 -4.99 0.24
C GLY B 105 -15.93 -4.01 -0.79
N PRO B 106 -17.10 -3.41 -0.55
CA PRO B 106 -17.67 -2.39 -1.41
C PRO B 106 -16.73 -1.23 -1.67
N GLY B 107 -15.90 -0.88 -0.70
CA GLY B 107 -15.06 0.27 -0.90
C GLY B 107 -13.73 -0.09 -1.52
N ALA B 108 -13.40 -1.37 -1.64
CA ALA B 108 -12.07 -1.74 -2.20
C ALA B 108 -11.72 -1.06 -3.56
N PRO B 109 -12.63 -1.05 -4.57
CA PRO B 109 -12.26 -0.34 -5.79
C PRO B 109 -11.84 1.12 -5.64
N SER B 110 -12.53 1.86 -4.74
CA SER B 110 -12.24 3.25 -4.48
C SER B 110 -10.90 3.30 -3.73
N VAL B 111 -10.67 2.38 -2.81
CA VAL B 111 -9.35 2.44 -2.11
C VAL B 111 -8.22 2.13 -3.08
N GLU B 112 -8.40 1.08 -3.87
CA GLU B 112 -7.46 0.76 -4.94
C GLU B 112 -7.23 1.89 -5.87
N LEU B 113 -8.26 2.58 -6.36
CA LEU B 113 -8.02 3.78 -7.20
C LEU B 113 -7.19 4.88 -6.50
N PHE B 114 -7.49 5.16 -5.21
CA PHE B 114 -6.74 6.22 -4.51
C PHE B 114 -5.26 5.78 -4.30
N THR B 115 -5.04 4.48 -4.14
CA THR B 115 -3.65 3.96 -4.01
C THR B 115 -2.87 4.10 -5.38
N SER B 116 -3.52 3.75 -6.49
CA SER B 116 -3.03 4.15 -7.83
C SER B 116 -2.74 5.64 -7.95
N ALA B 117 -3.70 6.51 -7.56
CA ALA B 117 -3.46 7.96 -7.60
C ALA B 117 -2.20 8.37 -6.76
N LEU B 119 0.53 6.68 -6.20
CA LEU B 119 1.74 6.29 -6.94
C LEU B 119 1.97 7.12 -8.22
N THR B 121 1.34 10.69 -8.57
CA THR B 121 1.60 12.14 -8.33
C THR B 121 2.77 12.75 -9.17
N GLY B 122 3.81 11.94 -9.41
CA GLY B 122 5.03 12.39 -10.14
C GLY B 122 5.67 13.68 -9.61
N ARG B 123 5.66 13.88 -8.29
CA ARG B 123 6.14 15.12 -7.64
C ARG B 123 5.36 16.42 -7.94
N ARG B 124 4.19 16.32 -8.58
CA ARG B 124 3.48 17.53 -8.98
C ARG B 124 2.67 18.07 -7.83
N SER B 125 3.04 19.25 -7.36
CA SER B 125 2.42 19.89 -6.23
C SER B 125 0.90 19.94 -6.33
N GLU B 126 0.36 20.20 -7.52
CA GLU B 126 -1.09 20.35 -7.67
C GLU B 126 -1.73 19.01 -7.31
N LEU B 127 -1.08 17.94 -7.75
CA LEU B 127 -1.49 16.58 -7.43
C LEU B 127 -1.16 16.11 -6.00
N ARG B 128 0.08 16.25 -5.54
CA ARG B 128 0.43 15.91 -4.19
C ARG B 128 -0.50 16.63 -3.26
N ASP B 129 -0.73 17.95 -3.48
CA ASP B 129 -1.53 18.71 -2.48
C ASP B 129 -2.93 18.05 -2.37
N LEU B 130 -3.52 17.57 -3.45
CA LEU B 130 -4.85 16.86 -3.34
C LEU B 130 -4.73 15.58 -2.47
N ILE B 131 -3.63 14.83 -2.70
CA ILE B 131 -3.42 13.58 -2.05
C ILE B 131 -3.23 13.82 -0.59
N THR B 132 -2.45 14.83 -0.25
CA THR B 132 -2.08 15.03 1.15
C THR B 132 -3.26 15.59 1.93
N ASP B 133 -4.00 16.51 1.32
CA ASP B 133 -5.27 16.95 1.92
C ASP B 133 -6.24 15.80 2.24
N THR B 134 -6.40 14.92 1.26
CA THR B 134 -7.24 13.72 1.41
C THR B 134 -6.70 12.78 2.51
N LEU B 135 -5.39 12.50 2.54
CA LEU B 135 -4.87 11.67 3.58
C LEU B 135 -5.06 12.29 4.92
N ARG B 136 -4.90 13.61 5.04
CA ARG B 136 -5.05 14.25 6.31
C ARG B 136 -6.51 14.06 6.77
N THR B 137 -7.42 14.24 5.86
CA THR B 137 -8.91 14.02 6.20
C THR B 137 -9.15 12.63 6.74
N LEU B 138 -8.70 11.60 6.03
CA LEU B 138 -8.88 10.20 6.46
C LEU B 138 -8.29 9.96 7.85
N HIS B 139 -7.05 10.40 8.04
CA HIS B 139 -6.36 10.19 9.29
C HIS B 139 -6.94 10.91 10.48
N SER B 140 -7.36 12.16 10.26
CA SER B 140 -8.02 12.91 11.36
C SER B 140 -9.33 12.30 11.68
N SER B 141 -10.08 11.91 10.66
CA SER B 141 -11.37 11.21 10.92
C SER B 141 -11.13 9.85 11.60
N GLY B 142 -10.03 9.18 11.25
CA GLY B 142 -9.58 7.88 11.89
C GLY B 142 -9.26 8.11 13.37
N GLU B 143 -8.57 9.23 13.71
CA GLU B 143 -8.27 9.52 15.11
C GLU B 143 -9.58 9.66 15.87
N VAL B 144 -10.42 10.51 15.37
CA VAL B 144 -11.75 10.73 15.95
C VAL B 144 -12.58 9.44 16.08
N ALA B 145 -12.62 8.59 15.04
CA ALA B 145 -13.44 7.30 15.14
C ALA B 145 -12.84 6.35 16.14
N LEU B 146 -11.52 6.30 16.19
CA LEU B 146 -10.83 5.42 17.10
C LEU B 146 -11.19 5.74 18.59
N ILE B 147 -11.00 7.01 18.94
CA ILE B 147 -11.29 7.49 20.30
C ILE B 147 -12.77 7.36 20.65
N ARG B 148 -13.65 7.72 19.73
CA ARG B 148 -15.12 7.53 19.89
C ARG B 148 -15.62 6.09 20.02
N THR B 149 -14.95 5.20 19.30
CA THR B 149 -15.24 3.77 19.45
C THR B 149 -14.87 3.21 20.87
N LEU B 150 -13.70 3.57 21.37
CA LEU B 150 -13.09 3.05 22.58
C LEU B 150 -13.54 3.77 23.88
N ARG B 152 -16.31 4.16 25.86
CA ARG B 152 -16.95 3.29 26.88
C ARG B 152 -15.94 2.43 27.67
N THR B 153 -14.97 1.89 26.94
CA THR B 153 -14.21 0.73 27.33
C THR B 153 -13.16 1.02 28.39
N GLY B 154 -12.74 2.28 28.56
CA GLY B 154 -11.70 2.55 29.56
C GLY B 154 -10.35 1.93 29.25
N TRP B 155 -10.25 1.37 28.03
CA TRP B 155 -9.00 0.91 27.42
C TRP B 155 -8.33 1.98 26.57
N GLN B 156 -7.02 2.11 26.76
CA GLN B 156 -6.25 3.12 26.12
C GLN B 156 -5.27 2.48 25.11
N LEU B 157 -5.26 3.06 23.92
CA LEU B 157 -4.44 2.60 22.86
C LEU B 157 -3.03 2.69 23.33
N ARG B 158 -2.16 1.86 22.75
CA ARG B 158 -0.75 1.73 23.17
C ARG B 158 0.16 2.81 22.66
N ALA B 159 -0.02 3.29 21.43
CA ALA B 159 0.76 4.40 21.05
C ALA B 159 -0.18 5.62 20.91
N GLY B 160 0.41 6.76 20.59
CA GLY B 160 -0.32 7.99 20.26
C GLY B 160 -1.47 7.76 19.26
N ILE B 161 -2.59 8.44 19.49
CA ILE B 161 -3.74 8.34 18.55
C ILE B 161 -3.36 8.64 17.09
N ASP B 162 -2.35 9.49 16.84
CA ASP B 162 -1.97 9.87 15.47
C ASP B 162 -1.19 8.69 14.82
N VAL B 163 -0.45 7.98 15.67
CA VAL B 163 0.40 6.87 15.22
C VAL B 163 -0.56 5.73 14.95
N GLU B 164 -1.58 5.57 15.78
CA GLU B 164 -2.55 4.50 15.56
C GLU B 164 -3.38 4.65 14.27
N SER B 165 -3.72 5.90 13.94
CA SER B 165 -4.45 6.19 12.74
C SER B 165 -3.55 5.88 11.55
N LYS B 166 -2.26 6.18 11.61
CA LYS B 166 -1.40 5.86 10.50
C LYS B 166 -1.27 4.38 10.37
N ALA B 167 -1.27 3.65 11.48
CA ALA B 167 -1.06 2.19 11.44
C ALA B 167 -2.32 1.55 10.83
N PHE B 168 -3.48 2.15 11.13
CA PHE B 168 -4.75 1.65 10.55
C PHE B 168 -4.74 1.82 9.04
N TRP B 169 -4.48 3.05 8.56
CA TRP B 169 -4.54 3.32 7.14
C TRP B 169 -3.43 2.65 6.36
N SER B 170 -2.18 2.65 6.87
CA SER B 170 -1.12 1.88 6.24
C SER B 170 -1.52 0.38 6.09
N ALA B 171 -2.09 -0.21 7.13
CA ALA B 171 -2.59 -1.60 6.99
C ALA B 171 -3.59 -1.67 5.89
N ILE B 172 -4.63 -0.81 5.93
CA ILE B 172 -5.69 -0.88 4.95
C ILE B 172 -5.17 -0.74 3.50
N PHE B 173 -4.34 0.26 3.19
CA PHE B 173 -3.77 0.42 1.83
C PHE B 173 -2.92 -0.79 1.43
N GLY B 174 -2.17 -1.32 2.37
CA GLY B 174 -1.31 -2.47 2.12
C GLY B 174 -2.04 -3.80 1.92
N LEU B 175 -3.23 -3.91 2.49
CA LEU B 175 -4.09 -5.10 2.36
C LEU B 175 -4.95 -5.05 1.10
N VAL B 176 -5.46 -3.85 0.79
CA VAL B 176 -6.35 -3.72 -0.32
C VAL B 176 -5.55 -3.99 -1.60
N ILE B 177 -4.29 -3.52 -1.61
CA ILE B 177 -3.48 -3.71 -2.81
C ILE B 177 -3.20 -5.16 -3.14
N GLN B 178 -2.96 -5.96 -2.12
CA GLN B 178 -2.79 -7.41 -2.27
C GLN B 178 -4.00 -8.13 -2.81
N LYS B 179 -5.16 -7.84 -2.24
CA LYS B 179 -6.39 -8.56 -2.53
C LYS B 179 -6.65 -8.44 -4.00
N THR B 180 -6.21 -7.30 -4.54
CA THR B 180 -6.18 -6.97 -5.96
C THR B 180 -5.49 -8.04 -6.82
N ALA B 181 -4.53 -8.79 -6.25
CA ALA B 181 -4.05 -10.09 -6.86
C ALA B 181 -3.81 -11.24 -5.88
N SER B 189 -9.05 -12.14 2.39
CA SER B 189 -9.70 -12.71 3.57
C SER B 189 -9.85 -11.61 4.60
N LEU B 190 -11.10 -11.41 4.99
CA LEU B 190 -11.50 -10.30 5.83
C LEU B 190 -11.10 -10.65 7.24
N GLU B 191 -11.19 -11.94 7.55
CA GLU B 191 -10.77 -12.47 8.87
C GLU B 191 -9.28 -12.19 9.12
N GLU B 192 -8.46 -12.42 8.10
CA GLU B 192 -7.04 -12.13 8.20
C GLU B 192 -6.78 -10.65 8.33
N ALA B 193 -7.60 -9.86 7.64
CA ALA B 193 -7.41 -8.41 7.52
C ALA B 193 -7.77 -7.79 8.90
N VAL B 194 -8.90 -8.21 9.47
CA VAL B 194 -9.31 -7.79 10.82
C VAL B 194 -8.27 -8.23 11.83
N ALA B 195 -7.79 -9.47 11.77
CA ALA B 195 -6.69 -9.88 12.69
C ALA B 195 -5.42 -9.08 12.60
N VAL B 196 -5.11 -8.59 11.39
CA VAL B 196 -3.98 -7.67 11.19
C VAL B 196 -4.19 -6.37 12.01
N ILE B 197 -5.43 -5.86 11.96
CA ILE B 197 -5.75 -4.56 12.57
C ILE B 197 -5.69 -4.79 14.09
N PHE B 198 -6.42 -5.83 14.53
CA PHE B 198 -6.31 -6.30 15.96
C PHE B 198 -4.92 -6.43 16.50
N ALA B 199 -3.97 -7.05 15.78
CA ALA B 199 -2.53 -7.20 16.21
C ALA B 199 -1.73 -5.88 16.27
N ASN B 200 -1.80 -5.12 15.19
CA ASN B 200 -1.12 -3.84 15.09
C ASN B 200 -1.52 -2.87 16.15
N LEU B 201 -2.74 -3.01 16.65
CA LEU B 201 -3.26 -2.16 17.69
C LEU B 201 -3.20 -2.82 19.09
N GLN B 202 -2.77 -4.08 19.14
CA GLN B 202 -2.86 -4.90 20.38
C GLN B 202 -4.17 -4.71 21.15
N ILE B 203 -5.32 -4.81 20.48
CA ILE B 203 -6.58 -4.62 21.22
C ILE B 203 -6.89 -5.96 21.90
N PRO B 204 -6.89 -5.98 23.24
CA PRO B 204 -7.16 -7.25 23.93
C PRO B 204 -8.54 -7.84 23.54
N GLU B 205 -8.66 -9.16 23.51
CA GLU B 205 -9.95 -9.85 23.35
C GLU B 205 -11.16 -9.23 24.10
N THR B 206 -11.00 -8.91 25.39
CA THR B 206 -12.13 -8.43 26.22
C THR B 206 -12.60 -7.04 25.86
N VAL B 207 -11.64 -6.24 25.37
CA VAL B 207 -11.91 -4.93 24.74
C VAL B 207 -12.75 -5.09 23.47
N ARG B 208 -12.37 -6.03 22.62
CA ARG B 208 -13.13 -6.39 21.39
C ARG B 208 -14.59 -6.73 21.68
N ASN B 209 -14.82 -7.40 22.81
CA ASN B 209 -16.14 -7.87 23.22
C ASN B 209 -16.94 -6.85 23.98
N THR B 210 -16.26 -5.79 24.44
CA THR B 210 -16.92 -4.67 25.11
C THR B 210 -17.87 -3.92 24.21
N SER B 211 -19.07 -3.73 24.74
CA SER B 211 -20.10 -2.98 24.08
C SER B 211 -19.80 -1.49 23.86
N ILE B 212 -20.48 -0.94 22.86
CA ILE B 212 -20.15 0.33 22.25
C ILE B 212 -21.41 1.20 22.26
#